data_2JXZ
#
_entry.id   2JXZ
#
_entity_poly.entity_id   1
_entity_poly.type   'polypeptide(L)'
_entity_poly.pdbx_seq_one_letter_code
;CGNLSTCMLGTLTQDFHKFHTFPQTNTGVGTP(NH2)
;
_entity_poly.pdbx_strand_id   A
#
# COMPACT_ATOMS: atom_id res chain seq x y z
N CYS A 1 -12.13 -3.46 5.89
CA CYS A 1 -12.11 -4.86 5.37
C CYS A 1 -13.45 -5.57 5.65
N GLY A 2 -13.58 -6.85 5.27
CA GLY A 2 -14.77 -7.69 5.46
C GLY A 2 -14.59 -9.15 5.01
N ASN A 3 -13.65 -9.41 4.09
CA ASN A 3 -13.21 -10.74 3.65
C ASN A 3 -11.74 -10.68 3.19
N LEU A 4 -11.14 -11.86 3.00
CA LEU A 4 -9.74 -12.03 2.58
C LEU A 4 -9.39 -11.20 1.34
N SER A 5 -10.18 -11.35 0.28
CA SER A 5 -9.94 -10.70 -1.02
C SER A 5 -10.02 -9.17 -0.92
N THR A 6 -10.87 -8.65 -0.03
CA THR A 6 -10.99 -7.22 0.26
C THR A 6 -9.79 -6.72 1.07
N CYS A 7 -9.31 -7.49 2.06
CA CYS A 7 -8.05 -7.21 2.75
C CYS A 7 -6.82 -7.24 1.80
N MET A 8 -6.78 -8.15 0.82
CA MET A 8 -5.72 -8.21 -0.18
C MET A 8 -5.77 -7.02 -1.15
N LEU A 9 -6.98 -6.61 -1.56
CA LEU A 9 -7.21 -5.40 -2.39
C LEU A 9 -6.84 -4.13 -1.62
N GLY A 10 -7.15 -4.09 -0.33
CA GLY A 10 -6.78 -3.00 0.58
C GLY A 10 -5.27 -2.91 0.76
N THR A 11 -4.59 -4.05 0.95
CA THR A 11 -3.13 -4.13 1.06
C THR A 11 -2.46 -3.73 -0.25
N LEU A 12 -3.01 -4.14 -1.39
CA LEU A 12 -2.60 -3.68 -2.73
C LEU A 12 -2.76 -2.16 -2.89
N THR A 13 -3.83 -1.58 -2.37
CA THR A 13 -4.09 -0.12 -2.41
C THR A 13 -3.12 0.64 -1.51
N GLN A 14 -2.79 0.09 -0.34
CA GLN A 14 -1.74 0.61 0.57
C GLN A 14 -0.35 0.53 -0.07
N ASP A 15 -0.11 -0.55 -0.79
CA ASP A 15 1.15 -0.80 -1.50
C ASP A 15 1.32 0.17 -2.67
N PHE A 16 0.25 0.43 -3.41
CA PHE A 16 0.18 1.49 -4.41
C PHE A 16 0.30 2.90 -3.81
N HIS A 17 -0.31 3.18 -2.64
CA HIS A 17 -0.16 4.45 -1.91
C HIS A 17 1.31 4.70 -1.59
N LYS A 18 1.98 3.67 -1.06
CA LYS A 18 3.42 3.67 -0.77
C LYS A 18 4.22 4.04 -2.03
N PHE A 19 4.07 3.24 -3.09
CA PHE A 19 4.87 3.38 -4.32
C PHE A 19 4.53 4.61 -5.16
N HIS A 20 3.36 5.21 -4.93
CA HIS A 20 2.94 6.45 -5.58
C HIS A 20 3.71 7.66 -5.09
N THR A 21 3.82 7.82 -3.77
CA THR A 21 4.49 9.01 -3.20
C THR A 21 6.02 8.91 -3.25
N PHE A 22 6.60 7.71 -3.18
CA PHE A 22 8.06 7.51 -3.01
C PHE A 22 8.57 6.12 -3.47
N PRO A 23 9.86 5.97 -3.85
CA PRO A 23 10.44 4.71 -4.30
C PRO A 23 10.93 3.78 -3.17
N GLN A 24 11.58 4.33 -2.12
CA GLN A 24 12.14 3.58 -0.98
C GLN A 24 11.13 3.38 0.18
N THR A 25 9.94 3.91 -0.02
CA THR A 25 8.70 3.96 0.78
C THR A 25 8.40 2.84 1.79
N ASN A 26 8.91 1.62 1.58
CA ASN A 26 8.77 0.48 2.49
C ASN A 26 9.36 0.73 3.91
N THR A 27 10.19 1.78 4.07
CA THR A 27 10.76 2.25 5.35
C THR A 27 10.08 3.53 5.91
N GLY A 28 9.13 4.11 5.18
CA GLY A 28 8.58 5.44 5.41
C GLY A 28 7.50 5.78 4.38
N VAL A 29 6.27 5.27 4.60
CA VAL A 29 5.17 5.23 3.61
C VAL A 29 4.73 6.58 3.02
N GLY A 30 5.08 7.68 3.68
CA GLY A 30 4.81 9.07 3.26
C GLY A 30 6.03 9.98 3.45
N THR A 31 7.23 9.43 3.21
CA THR A 31 8.52 10.02 3.62
C THR A 31 9.62 9.76 2.57
N PRO A 32 10.51 10.72 2.27
CA PRO A 32 11.65 10.50 1.36
C PRO A 32 12.76 9.62 1.97
N CYS A 1 -9.93 -8.32 6.88
CA CYS A 1 -10.50 -6.95 6.86
C CYS A 1 -11.54 -6.79 5.74
N GLY A 2 -12.83 -6.77 6.12
CA GLY A 2 -13.99 -6.81 5.21
C GLY A 2 -14.30 -8.23 4.69
N ASN A 3 -13.35 -8.78 3.93
CA ASN A 3 -13.22 -10.18 3.50
C ASN A 3 -11.71 -10.47 3.34
N LEU A 4 -11.31 -11.71 3.06
CA LEU A 4 -9.91 -12.04 2.73
C LEU A 4 -9.45 -11.27 1.50
N SER A 5 -10.17 -11.40 0.39
CA SER A 5 -9.87 -10.76 -0.90
C SER A 5 -9.99 -9.24 -0.83
N THR A 6 -10.91 -8.72 -0.03
CA THR A 6 -11.03 -7.28 0.26
C THR A 6 -9.80 -6.78 1.01
N CYS A 7 -9.28 -7.55 1.98
CA CYS A 7 -8.08 -7.20 2.72
C CYS A 7 -6.83 -7.22 1.83
N MET A 8 -6.73 -8.20 0.92
CA MET A 8 -5.65 -8.28 -0.08
C MET A 8 -5.70 -7.14 -1.08
N LEU A 9 -6.90 -6.73 -1.52
CA LEU A 9 -7.12 -5.58 -2.39
C LEU A 9 -6.77 -4.27 -1.69
N GLY A 10 -7.11 -4.16 -0.40
CA GLY A 10 -6.76 -3.03 0.46
C GLY A 10 -5.25 -2.93 0.69
N THR A 11 -4.58 -4.07 0.86
CA THR A 11 -3.12 -4.16 0.99
C THR A 11 -2.42 -3.81 -0.33
N LEU A 12 -2.95 -4.27 -1.46
CA LEU A 12 -2.51 -3.87 -2.81
C LEU A 12 -2.68 -2.36 -3.05
N THR A 13 -3.80 -1.78 -2.60
CA THR A 13 -4.07 -0.33 -2.72
C THR A 13 -3.14 0.48 -1.80
N GLN A 14 -2.85 -0.02 -0.60
CA GLN A 14 -1.87 0.55 0.33
C GLN A 14 -0.44 0.46 -0.24
N ASP A 15 -0.13 -0.60 -0.98
CA ASP A 15 1.16 -0.81 -1.63
C ASP A 15 1.33 0.14 -2.81
N PHE A 16 0.28 0.31 -3.62
CA PHE A 16 0.22 1.33 -4.67
C PHE A 16 0.30 2.76 -4.11
N HIS A 17 -0.35 3.05 -2.96
CA HIS A 17 -0.26 4.33 -2.26
C HIS A 17 1.18 4.60 -1.80
N LYS A 18 1.84 3.60 -1.21
CA LYS A 18 3.25 3.64 -0.81
C LYS A 18 4.16 3.99 -1.99
N PHE A 19 4.06 3.23 -3.08
CA PHE A 19 4.83 3.46 -4.31
C PHE A 19 4.48 4.77 -5.04
N HIS A 20 3.29 5.33 -4.78
CA HIS A 20 2.86 6.65 -5.26
C HIS A 20 3.51 7.80 -4.47
N THR A 21 3.52 7.72 -3.12
CA THR A 21 4.05 8.82 -2.29
C THR A 21 5.59 8.89 -2.32
N PHE A 22 6.26 7.77 -2.63
CA PHE A 22 7.71 7.74 -2.88
C PHE A 22 8.12 6.56 -3.77
N PRO A 23 9.10 6.72 -4.70
CA PRO A 23 9.26 5.83 -5.85
C PRO A 23 9.70 4.39 -5.53
N GLN A 24 10.46 4.19 -4.43
CA GLN A 24 10.96 2.88 -3.99
C GLN A 24 10.40 2.43 -2.63
N THR A 25 9.77 3.35 -1.89
CA THR A 25 9.01 3.28 -0.61
C THR A 25 9.51 2.43 0.58
N ASN A 26 10.58 1.64 0.43
CA ASN A 26 11.09 0.65 1.39
C ASN A 26 11.31 1.13 2.85
N THR A 27 11.51 2.44 3.07
CA THR A 27 11.64 3.05 4.41
C THR A 27 10.36 3.06 5.24
N GLY A 28 9.20 2.81 4.63
CA GLY A 28 7.88 2.67 5.27
C GLY A 28 6.73 3.21 4.43
N VAL A 29 6.90 4.48 4.03
CA VAL A 29 6.12 5.20 3.01
C VAL A 29 7.04 6.11 2.19
N GLY A 30 7.95 6.83 2.84
CA GLY A 30 8.95 7.69 2.21
C GLY A 30 8.48 9.13 1.91
N THR A 31 7.23 9.47 2.24
CA THR A 31 6.57 10.77 2.00
C THR A 31 7.50 11.97 2.29
N PRO A 32 7.94 12.74 1.27
CA PRO A 32 8.97 13.77 1.42
C PRO A 32 8.47 15.11 2.02
N CYS A 1 -10.39 -7.51 8.21
CA CYS A 1 -11.38 -6.69 7.49
C CYS A 1 -12.58 -7.55 7.03
N GLY A 2 -13.48 -7.01 6.19
CA GLY A 2 -14.72 -7.68 5.75
C GLY A 2 -14.57 -9.09 5.16
N ASN A 3 -13.60 -9.29 4.25
CA ASN A 3 -13.19 -10.60 3.73
C ASN A 3 -11.75 -10.56 3.19
N LEU A 4 -11.15 -11.74 3.04
CA LEU A 4 -9.75 -11.93 2.62
C LEU A 4 -9.41 -11.16 1.35
N SER A 5 -10.20 -11.33 0.31
CA SER A 5 -9.98 -10.73 -1.01
C SER A 5 -10.04 -9.21 -0.97
N THR A 6 -10.92 -8.66 -0.13
CA THR A 6 -11.01 -7.21 0.14
C THR A 6 -9.80 -6.72 0.92
N CYS A 7 -9.33 -7.49 1.92
CA CYS A 7 -8.12 -7.14 2.67
C CYS A 7 -6.86 -7.18 1.77
N MET A 8 -6.78 -8.13 0.83
CA MET A 8 -5.68 -8.20 -0.15
C MET A 8 -5.73 -7.05 -1.16
N LEU A 9 -6.93 -6.65 -1.60
CA LEU A 9 -7.14 -5.47 -2.46
C LEU A 9 -6.77 -4.17 -1.72
N GLY A 10 -7.12 -4.09 -0.43
CA GLY A 10 -6.76 -2.99 0.45
C GLY A 10 -5.26 -2.91 0.71
N THR A 11 -4.60 -4.06 0.87
CA THR A 11 -3.12 -4.17 1.01
C THR A 11 -2.42 -3.75 -0.29
N LEU A 12 -2.94 -4.20 -1.44
CA LEU A 12 -2.48 -3.77 -2.77
C LEU A 12 -2.65 -2.26 -2.98
N THR A 13 -3.77 -1.68 -2.54
CA THR A 13 -4.05 -0.23 -2.64
C THR A 13 -3.13 0.58 -1.72
N GLN A 14 -2.88 0.07 -0.51
CA GLN A 14 -1.92 0.63 0.46
C GLN A 14 -0.49 0.58 -0.09
N ASP A 15 -0.14 -0.48 -0.82
CA ASP A 15 1.17 -0.67 -1.43
C ASP A 15 1.36 0.22 -2.66
N PHE A 16 0.31 0.39 -3.47
CA PHE A 16 0.27 1.41 -4.53
C PHE A 16 0.36 2.84 -3.97
N HIS A 17 -0.31 3.14 -2.85
CA HIS A 17 -0.25 4.44 -2.15
C HIS A 17 1.18 4.74 -1.67
N LYS A 18 1.84 3.72 -1.09
CA LYS A 18 3.27 3.71 -0.74
C LYS A 18 4.17 4.03 -1.95
N PHE A 19 4.08 3.23 -3.01
CA PHE A 19 4.92 3.39 -4.21
C PHE A 19 4.63 4.68 -5.00
N HIS A 20 3.43 5.24 -4.88
CA HIS A 20 3.00 6.47 -5.54
C HIS A 20 3.72 7.70 -4.97
N THR A 21 3.78 7.80 -3.63
CA THR A 21 4.41 8.94 -2.95
C THR A 21 5.92 8.75 -2.76
N PHE A 22 6.43 7.51 -2.83
CA PHE A 22 7.82 7.18 -2.55
C PHE A 22 8.25 5.89 -3.29
N PRO A 23 8.97 5.98 -4.43
CA PRO A 23 9.25 4.83 -5.31
C PRO A 23 10.17 3.76 -4.69
N GLN A 24 11.05 4.15 -3.76
CA GLN A 24 11.89 3.26 -2.95
C GLN A 24 11.18 2.66 -1.72
N THR A 25 9.98 3.18 -1.40
CA THR A 25 9.02 2.85 -0.31
C THR A 25 9.50 2.63 1.15
N ASN A 26 10.81 2.57 1.41
CA ASN A 26 11.41 2.12 2.68
C ASN A 26 10.81 2.67 4.00
N THR A 27 10.38 3.94 4.04
CA THR A 27 9.68 4.59 5.16
C THR A 27 9.03 5.88 4.65
N GLY A 28 7.69 5.91 4.65
CA GLY A 28 6.88 7.10 4.35
C GLY A 28 5.67 6.78 3.47
N VAL A 29 4.68 6.08 4.02
CA VAL A 29 3.56 5.50 3.26
C VAL A 29 2.73 6.50 2.46
N GLY A 30 2.62 7.75 2.94
CA GLY A 30 1.75 8.81 2.39
C GLY A 30 2.42 10.17 2.28
N THR A 31 3.76 10.25 2.30
CA THR A 31 4.53 11.51 2.29
C THR A 31 5.97 11.24 1.78
N PRO A 32 6.53 12.08 0.87
CA PRO A 32 7.88 11.93 0.33
C PRO A 32 8.99 12.38 1.30
N CYS A 1 -12.11 -4.04 7.55
CA CYS A 1 -12.15 -4.94 6.37
C CYS A 1 -13.50 -5.71 6.34
N GLY A 2 -13.55 -6.90 5.73
CA GLY A 2 -14.78 -7.73 5.62
C GLY A 2 -14.55 -9.16 5.11
N ASN A 3 -13.62 -9.37 4.18
CA ASN A 3 -13.15 -10.69 3.73
C ASN A 3 -11.71 -10.62 3.22
N LEU A 4 -11.05 -11.77 3.13
CA LEU A 4 -9.64 -11.92 2.74
C LEU A 4 -9.30 -11.17 1.46
N SER A 5 -10.06 -11.40 0.40
CA SER A 5 -9.83 -10.84 -0.94
C SER A 5 -9.95 -9.31 -0.94
N THR A 6 -10.86 -8.78 -0.13
CA THR A 6 -11.00 -7.33 0.10
C THR A 6 -9.82 -6.78 0.90
N CYS A 7 -9.34 -7.50 1.92
CA CYS A 7 -8.14 -7.11 2.67
C CYS A 7 -6.87 -7.13 1.80
N MET A 8 -6.72 -8.11 0.90
CA MET A 8 -5.61 -8.16 -0.06
C MET A 8 -5.69 -7.04 -1.09
N LEU A 9 -6.89 -6.70 -1.58
CA LEU A 9 -7.12 -5.56 -2.49
C LEU A 9 -6.84 -4.22 -1.78
N GLY A 10 -7.22 -4.12 -0.50
CA GLY A 10 -6.95 -2.97 0.35
C GLY A 10 -5.46 -2.79 0.61
N THR A 11 -4.74 -3.87 0.88
CA THR A 11 -3.27 -3.88 1.07
C THR A 11 -2.53 -3.60 -0.24
N LEU A 12 -3.01 -4.12 -1.36
CA LEU A 12 -2.55 -3.72 -2.71
C LEU A 12 -2.72 -2.21 -2.93
N THR A 13 -3.84 -1.63 -2.48
CA THR A 13 -4.11 -0.19 -2.60
C THR A 13 -3.20 0.63 -1.67
N GLN A 14 -2.90 0.12 -0.46
CA GLN A 14 -1.92 0.73 0.44
C GLN A 14 -0.52 0.71 -0.17
N ASP A 15 -0.18 -0.40 -0.82
CA ASP A 15 1.13 -0.60 -1.44
C ASP A 15 1.30 0.24 -2.71
N PHE A 16 0.23 0.42 -3.47
CA PHE A 16 0.13 1.42 -4.54
C PHE A 16 0.24 2.86 -4.01
N HIS A 17 -0.30 3.17 -2.83
CA HIS A 17 -0.09 4.47 -2.17
C HIS A 17 1.39 4.67 -1.81
N LYS A 18 2.00 3.65 -1.19
CA LYS A 18 3.43 3.61 -0.82
C LYS A 18 4.36 3.77 -2.02
N PHE A 19 4.03 3.14 -3.15
CA PHE A 19 4.70 3.39 -4.44
C PHE A 19 4.43 4.80 -4.99
N HIS A 20 3.22 5.35 -4.83
CA HIS A 20 2.85 6.67 -5.36
C HIS A 20 3.69 7.80 -4.73
N THR A 21 3.98 7.68 -3.43
CA THR A 21 4.83 8.65 -2.70
C THR A 21 6.33 8.46 -2.97
N PHE A 22 6.77 7.27 -3.41
CA PHE A 22 8.17 6.99 -3.78
C PHE A 22 8.26 5.96 -4.94
N PRO A 23 8.37 6.41 -6.21
CA PRO A 23 7.93 5.67 -7.40
C PRO A 23 8.59 4.31 -7.64
N GLN A 24 9.85 4.13 -7.25
CA GLN A 24 10.64 2.93 -7.50
C GLN A 24 10.75 1.95 -6.30
N THR A 25 10.25 2.34 -5.12
CA THR A 25 10.37 1.57 -3.88
C THR A 25 9.23 1.95 -2.92
N ASN A 26 8.31 1.03 -2.72
CA ASN A 26 7.16 1.06 -1.80
C ASN A 26 7.48 1.22 -0.28
N THR A 27 8.44 2.07 0.11
CA THR A 27 8.90 2.26 1.50
C THR A 27 8.98 3.72 1.94
N GLY A 28 8.76 4.68 1.03
CA GLY A 28 8.85 6.13 1.27
C GLY A 28 7.49 6.73 1.60
N VAL A 29 6.81 6.06 2.52
CA VAL A 29 5.38 6.17 2.91
C VAL A 29 4.86 7.60 3.18
N GLY A 30 5.76 8.56 3.42
CA GLY A 30 5.45 10.00 3.49
C GLY A 30 6.53 10.94 2.97
N THR A 31 7.53 10.44 2.22
CA THR A 31 8.66 11.22 1.65
C THR A 31 9.33 10.44 0.49
N PRO A 32 9.62 11.07 -0.66
CA PRO A 32 10.31 10.43 -1.80
C PRO A 32 11.83 10.24 -1.56
N CYS A 1 -11.17 -7.19 7.79
CA CYS A 1 -11.84 -6.47 6.67
C CYS A 1 -13.15 -7.17 6.30
N GLY A 2 -13.87 -6.68 5.28
CA GLY A 2 -15.10 -7.31 4.76
C GLY A 2 -14.93 -8.76 4.30
N ASN A 3 -13.77 -9.08 3.70
CA ASN A 3 -13.33 -10.41 3.29
C ASN A 3 -11.79 -10.50 3.35
N LEU A 4 -11.25 -11.70 3.20
CA LEU A 4 -9.81 -11.95 2.99
C LEU A 4 -9.32 -11.25 1.70
N SER A 5 -10.05 -11.43 0.60
CA SER A 5 -9.84 -10.77 -0.69
C SER A 5 -9.90 -9.24 -0.59
N THR A 6 -10.78 -8.73 0.26
CA THR A 6 -10.89 -7.29 0.58
C THR A 6 -9.65 -6.79 1.31
N CYS A 7 -9.11 -7.57 2.27
CA CYS A 7 -7.82 -7.27 2.88
C CYS A 7 -6.65 -7.31 1.87
N MET A 8 -6.65 -8.25 0.91
CA MET A 8 -5.62 -8.30 -0.14
C MET A 8 -5.71 -7.12 -1.11
N LEU A 9 -6.92 -6.68 -1.45
CA LEU A 9 -7.19 -5.50 -2.27
C LEU A 9 -6.78 -4.22 -1.53
N GLY A 10 -7.04 -4.16 -0.22
CA GLY A 10 -6.63 -3.07 0.66
C GLY A 10 -5.11 -3.00 0.81
N THR A 11 -4.44 -4.15 0.92
CA THR A 11 -2.97 -4.25 0.98
C THR A 11 -2.35 -3.86 -0.36
N LEU A 12 -2.94 -4.28 -1.48
CA LEU A 12 -2.56 -3.82 -2.83
C LEU A 12 -2.70 -2.30 -2.98
N THR A 13 -3.81 -1.73 -2.51
CA THR A 13 -4.08 -0.28 -2.57
C THR A 13 -3.11 0.51 -1.69
N GLN A 14 -2.78 -0.05 -0.52
CA GLN A 14 -1.73 0.46 0.37
C GLN A 14 -0.36 0.43 -0.32
N ASP A 15 -0.07 -0.61 -1.10
CA ASP A 15 1.16 -0.75 -1.89
C ASP A 15 1.23 0.29 -3.01
N PHE A 16 0.11 0.57 -3.66
CA PHE A 16 -0.01 1.67 -4.63
C PHE A 16 0.13 3.06 -4.00
N HIS A 17 -0.40 3.27 -2.80
CA HIS A 17 -0.18 4.49 -1.99
C HIS A 17 1.32 4.68 -1.67
N LYS A 18 1.98 3.58 -1.28
CA LYS A 18 3.43 3.50 -1.06
C LYS A 18 4.20 3.86 -2.33
N PHE A 19 3.93 3.22 -3.47
CA PHE A 19 4.55 3.52 -4.76
C PHE A 19 4.35 4.98 -5.19
N HIS A 20 3.18 5.54 -4.85
CA HIS A 20 2.79 6.92 -5.17
C HIS A 20 3.62 7.96 -4.42
N THR A 21 3.84 7.76 -3.11
CA THR A 21 4.67 8.68 -2.32
C THR A 21 6.17 8.50 -2.59
N PHE A 22 6.59 7.28 -2.96
CA PHE A 22 7.97 6.90 -3.26
C PHE A 22 8.02 5.54 -3.99
N PRO A 23 8.60 5.42 -5.19
CA PRO A 23 8.64 4.16 -5.95
C PRO A 23 9.37 2.99 -5.25
N GLN A 24 10.26 3.32 -4.31
CA GLN A 24 11.15 2.38 -3.60
C GLN A 24 10.82 2.16 -2.11
N THR A 25 9.81 2.85 -1.55
CA THR A 25 9.47 2.77 -0.11
C THR A 25 8.71 1.49 0.29
N ASN A 26 8.34 0.63 -0.67
CA ASN A 26 7.35 -0.44 -0.48
C ASN A 26 7.67 -1.50 0.59
N THR A 27 8.88 -1.52 1.14
CA THR A 27 9.23 -2.24 2.39
C THR A 27 8.57 -1.69 3.67
N GLY A 28 7.99 -0.48 3.62
CA GLY A 28 7.39 0.24 4.75
C GLY A 28 6.09 0.96 4.39
N VAL A 29 6.15 2.28 4.16
CA VAL A 29 4.94 3.15 4.04
C VAL A 29 5.13 4.46 3.25
N GLY A 30 6.19 5.23 3.52
CA GLY A 30 6.28 6.62 3.06
C GLY A 30 7.54 7.33 3.54
N THR A 31 8.69 6.83 3.10
CA THR A 31 10.04 7.16 3.60
C THR A 31 11.09 6.91 2.50
N PRO A 32 12.11 7.78 2.31
CA PRO A 32 13.08 7.62 1.23
C PRO A 32 13.97 6.36 1.36
N CYS A 1 -11.85 -3.93 7.68
CA CYS A 1 -11.95 -4.82 6.50
C CYS A 1 -13.31 -5.56 6.50
N GLY A 2 -13.41 -6.75 5.89
CA GLY A 2 -14.65 -7.55 5.81
C GLY A 2 -14.47 -8.98 5.29
N ASN A 3 -13.56 -9.21 4.33
CA ASN A 3 -13.15 -10.54 3.86
C ASN A 3 -11.71 -10.50 3.32
N LEU A 4 -11.10 -11.68 3.21
CA LEU A 4 -9.70 -11.87 2.80
C LEU A 4 -9.36 -11.13 1.50
N SER A 5 -10.17 -11.35 0.46
CA SER A 5 -9.95 -10.79 -0.88
C SER A 5 -10.02 -9.26 -0.88
N THR A 6 -10.89 -8.69 -0.04
CA THR A 6 -10.99 -7.24 0.19
C THR A 6 -9.78 -6.72 0.96
N CYS A 7 -9.30 -7.45 1.97
CA CYS A 7 -8.09 -7.08 2.71
C CYS A 7 -6.83 -7.13 1.82
N MET A 8 -6.73 -8.11 0.90
CA MET A 8 -5.64 -8.20 -0.07
C MET A 8 -5.71 -7.08 -1.11
N LEU A 9 -6.91 -6.70 -1.57
CA LEU A 9 -7.13 -5.57 -2.48
C LEU A 9 -6.78 -4.24 -1.78
N GLY A 10 -7.12 -4.11 -0.50
CA GLY A 10 -6.78 -2.97 0.34
C GLY A 10 -5.28 -2.86 0.59
N THR A 11 -4.60 -3.99 0.79
CA THR A 11 -3.14 -4.06 0.94
C THR A 11 -2.44 -3.72 -0.38
N LEU A 12 -2.95 -4.21 -1.51
CA LEU A 12 -2.50 -3.83 -2.86
C LEU A 12 -2.68 -2.33 -3.13
N THR A 13 -3.80 -1.75 -2.71
CA THR A 13 -4.10 -0.31 -2.85
C THR A 13 -3.18 0.52 -1.96
N GLN A 14 -2.90 0.05 -0.74
CA GLN A 14 -1.91 0.63 0.19
C GLN A 14 -0.49 0.54 -0.36
N ASP A 15 -0.15 -0.55 -1.05
CA ASP A 15 1.15 -0.77 -1.69
C ASP A 15 1.33 0.18 -2.87
N PHE A 16 0.29 0.35 -3.68
CA PHE A 16 0.26 1.36 -4.75
C PHE A 16 0.32 2.81 -4.21
N HIS A 17 -0.41 3.12 -3.13
CA HIS A 17 -0.36 4.40 -2.41
C HIS A 17 1.07 4.72 -1.96
N LYS A 18 1.70 3.70 -1.37
CA LYS A 18 3.05 3.74 -0.84
C LYS A 18 4.07 4.00 -1.95
N PHE A 19 4.04 3.19 -3.02
CA PHE A 19 4.92 3.37 -4.19
C PHE A 19 4.74 4.72 -4.88
N HIS A 20 3.56 5.33 -4.75
CA HIS A 20 3.26 6.67 -5.26
C HIS A 20 3.89 7.79 -4.41
N THR A 21 3.76 7.72 -3.08
CA THR A 21 4.29 8.78 -2.21
C THR A 21 5.81 8.65 -1.98
N PHE A 22 6.34 7.43 -2.01
CA PHE A 22 7.76 7.09 -1.78
C PHE A 22 8.04 5.59 -2.00
N PRO A 23 8.83 5.19 -3.01
CA PRO A 23 9.06 3.78 -3.34
C PRO A 23 9.88 3.00 -2.30
N GLN A 24 10.79 3.66 -1.58
CA GLN A 24 11.90 3.02 -0.86
C GLN A 24 12.05 3.40 0.64
N THR A 25 11.37 4.46 1.10
CA THR A 25 11.52 5.02 2.46
C THR A 25 11.09 4.04 3.55
N ASN A 26 9.88 3.48 3.42
CA ASN A 26 9.41 2.27 4.11
C ASN A 26 8.30 1.60 3.26
N THR A 27 8.09 0.29 3.43
CA THR A 27 7.12 -0.45 2.61
C THR A 27 5.68 -0.44 3.14
N GLY A 28 5.47 0.01 4.38
CA GLY A 28 4.17 0.10 5.03
C GLY A 28 3.25 1.19 4.48
N VAL A 29 3.82 2.39 4.39
CA VAL A 29 3.10 3.64 4.06
C VAL A 29 3.91 4.60 3.17
N GLY A 30 5.24 4.55 3.23
CA GLY A 30 6.16 5.32 2.39
C GLY A 30 6.45 6.71 2.96
N THR A 31 5.48 7.31 3.65
CA THR A 31 5.66 8.60 4.36
C THR A 31 6.74 8.47 5.45
N PRO A 32 7.64 9.46 5.60
CA PRO A 32 8.80 9.36 6.48
C PRO A 32 8.47 9.52 7.99
N CYS A 1 -11.84 -3.95 7.62
CA CYS A 1 -11.94 -4.84 6.43
C CYS A 1 -13.31 -5.56 6.43
N GLY A 2 -13.43 -6.75 5.83
CA GLY A 2 -14.67 -7.54 5.74
C GLY A 2 -14.50 -8.98 5.22
N ASN A 3 -13.59 -9.22 4.27
CA ASN A 3 -13.17 -10.54 3.82
C ASN A 3 -11.73 -10.51 3.28
N LEU A 4 -11.12 -11.69 3.17
CA LEU A 4 -9.72 -11.89 2.76
C LEU A 4 -9.37 -11.15 1.47
N SER A 5 -10.17 -11.35 0.43
CA SER A 5 -9.93 -10.79 -0.91
C SER A 5 -10.00 -9.26 -0.91
N THR A 6 -10.89 -8.70 -0.09
CA THR A 6 -10.98 -7.25 0.15
C THR A 6 -9.78 -6.74 0.93
N CYS A 7 -9.30 -7.49 1.93
CA CYS A 7 -8.07 -7.13 2.66
C CYS A 7 -6.82 -7.19 1.77
N MET A 8 -6.72 -8.16 0.85
CA MET A 8 -5.63 -8.23 -0.12
C MET A 8 -5.70 -7.08 -1.13
N LEU A 9 -6.89 -6.71 -1.59
CA LEU A 9 -7.12 -5.55 -2.48
C LEU A 9 -6.78 -4.23 -1.77
N GLY A 10 -7.13 -4.12 -0.49
CA GLY A 10 -6.81 -2.99 0.37
C GLY A 10 -5.31 -2.86 0.64
N THR A 11 -4.63 -3.99 0.82
CA THR A 11 -3.16 -4.06 0.98
C THR A 11 -2.45 -3.70 -0.33
N LEU A 12 -2.95 -4.19 -1.47
CA LEU A 12 -2.49 -3.80 -2.81
C LEU A 12 -2.67 -2.29 -3.06
N THR A 13 -3.81 -1.72 -2.65
CA THR A 13 -4.10 -0.28 -2.78
C THR A 13 -3.21 0.55 -1.86
N GLN A 14 -2.93 0.05 -0.65
CA GLN A 14 -1.98 0.64 0.29
C GLN A 14 -0.55 0.60 -0.25
N ASP A 15 -0.20 -0.48 -0.95
CA ASP A 15 1.12 -0.66 -1.56
C ASP A 15 1.30 0.24 -2.79
N PHE A 16 0.25 0.40 -3.59
CA PHE A 16 0.20 1.42 -4.63
C PHE A 16 0.30 2.85 -4.08
N HIS A 17 -0.32 3.14 -2.92
CA HIS A 17 -0.17 4.43 -2.21
C HIS A 17 1.30 4.66 -1.79
N LYS A 18 1.91 3.63 -1.19
CA LYS A 18 3.30 3.63 -0.76
C LYS A 18 4.27 3.93 -1.91
N PHE A 19 4.10 3.21 -3.03
CA PHE A 19 4.89 3.41 -4.25
C PHE A 19 4.57 4.72 -4.99
N HIS A 20 3.38 5.28 -4.81
CA HIS A 20 2.99 6.59 -5.34
C HIS A 20 3.70 7.74 -4.61
N THR A 21 3.73 7.70 -3.27
CA THR A 21 4.36 8.79 -2.47
C THR A 21 5.89 8.72 -2.51
N PHE A 22 6.47 7.54 -2.80
CA PHE A 22 7.91 7.36 -3.01
C PHE A 22 8.19 6.08 -3.82
N PRO A 23 8.84 6.15 -5.00
CA PRO A 23 9.08 4.98 -5.87
C PRO A 23 9.88 3.82 -5.26
N GLN A 24 10.71 4.05 -4.22
CA GLN A 24 11.54 3.00 -3.61
C GLN A 24 11.62 3.02 -2.06
N THR A 25 11.43 4.17 -1.40
CA THR A 25 11.80 4.37 0.03
C THR A 25 11.17 3.38 1.02
N ASN A 26 9.84 3.25 1.04
CA ASN A 26 9.08 2.26 1.82
C ASN A 26 9.55 2.07 3.30
N THR A 27 9.90 3.16 4.00
CA THR A 27 10.61 3.11 5.29
C THR A 27 9.75 3.54 6.48
N GLY A 28 9.10 4.70 6.41
CA GLY A 28 8.09 5.14 7.38
C GLY A 28 6.76 4.41 7.17
N VAL A 29 6.28 4.49 5.92
CA VAL A 29 5.32 3.56 5.32
C VAL A 29 5.57 3.46 3.81
N GLY A 30 5.61 4.61 3.13
CA GLY A 30 6.08 4.81 1.75
C GLY A 30 7.06 5.98 1.70
N THR A 31 6.66 7.06 2.37
CA THR A 31 7.50 8.13 2.93
C THR A 31 8.68 7.62 3.78
N PRO A 32 9.71 8.44 4.06
CA PRO A 32 10.85 8.07 4.90
C PRO A 32 10.54 8.03 6.40
N CYS A 1 -11.92 -3.80 7.60
CA CYS A 1 -12.01 -4.70 6.42
C CYS A 1 -13.37 -5.44 6.42
N GLY A 2 -13.48 -6.63 5.83
CA GLY A 2 -14.72 -7.42 5.74
C GLY A 2 -14.54 -8.86 5.26
N ASN A 3 -13.63 -9.11 4.31
CA ASN A 3 -13.21 -10.45 3.87
C ASN A 3 -11.77 -10.43 3.33
N LEU A 4 -11.16 -11.62 3.25
CA LEU A 4 -9.77 -11.84 2.86
C LEU A 4 -9.41 -11.12 1.56
N SER A 5 -10.20 -11.34 0.51
CA SER A 5 -9.96 -10.80 -0.84
C SER A 5 -10.02 -9.27 -0.86
N THR A 6 -10.89 -8.68 -0.04
CA THR A 6 -10.99 -7.23 0.16
C THR A 6 -9.78 -6.71 0.94
N CYS A 7 -9.32 -7.42 1.97
CA CYS A 7 -8.11 -7.06 2.72
C CYS A 7 -6.85 -7.14 1.84
N MET A 8 -6.75 -8.13 0.94
CA MET A 8 -5.65 -8.24 -0.02
C MET A 8 -5.69 -7.13 -1.07
N LEU A 9 -6.88 -6.76 -1.55
CA LEU A 9 -7.08 -5.63 -2.47
C LEU A 9 -6.74 -4.29 -1.80
N GLY A 10 -7.09 -4.14 -0.52
CA GLY A 10 -6.75 -2.98 0.31
C GLY A 10 -5.25 -2.88 0.58
N THR A 11 -4.58 -4.02 0.80
CA THR A 11 -3.12 -4.10 0.98
C THR A 11 -2.39 -3.80 -0.33
N LEU A 12 -2.90 -4.29 -1.47
CA LEU A 12 -2.43 -3.94 -2.81
C LEU A 12 -2.58 -2.43 -3.10
N THR A 13 -3.72 -1.84 -2.72
CA THR A 13 -3.99 -0.41 -2.90
C THR A 13 -3.08 0.43 -2.01
N GLN A 14 -2.83 -0.02 -0.79
CA GLN A 14 -1.85 0.56 0.14
C GLN A 14 -0.43 0.47 -0.42
N ASP A 15 -0.11 -0.61 -1.15
CA ASP A 15 1.18 -0.82 -1.79
C ASP A 15 1.37 0.15 -2.97
N PHE A 16 0.35 0.32 -3.79
CA PHE A 16 0.34 1.34 -4.84
C PHE A 16 0.41 2.77 -4.27
N HIS A 17 -0.26 3.04 -3.16
CA HIS A 17 -0.22 4.31 -2.43
C HIS A 17 1.19 4.59 -1.86
N LYS A 18 1.83 3.58 -1.28
CA LYS A 18 3.24 3.61 -0.84
C LYS A 18 4.19 3.99 -1.99
N PHE A 19 4.07 3.30 -3.14
CA PHE A 19 4.85 3.63 -4.35
C PHE A 19 4.54 5.02 -4.92
N HIS A 20 3.33 5.53 -4.68
CA HIS A 20 2.90 6.88 -5.07
C HIS A 20 3.50 7.97 -4.18
N THR A 21 3.57 7.77 -2.87
CA THR A 21 4.27 8.73 -1.98
C THR A 21 5.78 8.67 -2.19
N PHE A 22 6.36 7.48 -2.46
CA PHE A 22 7.80 7.34 -2.67
C PHE A 22 8.28 6.02 -3.33
N PRO A 23 9.30 6.03 -4.20
CA PRO A 23 9.80 4.83 -4.88
C PRO A 23 10.63 3.86 -4.00
N GLN A 24 11.74 4.28 -3.36
CA GLN A 24 12.75 3.33 -2.83
C GLN A 24 13.18 3.50 -1.35
N THR A 25 12.76 4.56 -0.68
CA THR A 25 12.99 4.83 0.76
C THR A 25 11.73 5.46 1.41
N ASN A 26 11.66 6.77 1.64
CA ASN A 26 10.42 7.48 2.01
C ASN A 26 10.44 8.98 1.66
N THR A 27 9.25 9.60 1.62
CA THR A 27 9.01 11.05 1.73
C THR A 27 7.78 11.34 2.61
N GLY A 28 6.68 10.58 2.43
CA GLY A 28 5.47 10.72 3.24
C GLY A 28 5.25 9.55 4.19
N VAL A 29 4.46 8.54 3.78
CA VAL A 29 3.79 7.59 4.69
C VAL A 29 4.72 6.77 5.60
N GLY A 30 5.94 6.49 5.14
CA GLY A 30 6.98 5.78 5.91
C GLY A 30 7.71 4.67 5.15
N THR A 31 7.36 4.35 3.89
CA THR A 31 7.68 3.04 3.30
C THR A 31 7.70 3.11 1.77
N PRO A 32 8.64 2.43 1.07
CA PRO A 32 8.70 2.46 -0.38
C PRO A 32 7.56 1.69 -1.05
N CYS A 1 -10.26 -3.37 4.34
CA CYS A 1 -10.47 -4.77 4.78
C CYS A 1 -11.98 -5.06 4.94
N GLY A 2 -12.38 -6.34 5.06
CA GLY A 2 -13.79 -6.74 5.29
C GLY A 2 -14.07 -8.22 4.97
N ASN A 3 -13.37 -8.75 3.98
CA ASN A 3 -13.23 -10.17 3.62
C ASN A 3 -11.76 -10.42 3.28
N LEU A 4 -11.34 -11.67 3.08
CA LEU A 4 -9.94 -12.02 2.75
C LEU A 4 -9.45 -11.28 1.50
N SER A 5 -10.15 -11.46 0.39
CA SER A 5 -9.82 -10.84 -0.91
C SER A 5 -9.95 -9.32 -0.87
N THR A 6 -10.89 -8.80 -0.08
CA THR A 6 -11.05 -7.35 0.17
C THR A 6 -9.84 -6.79 0.93
N CYS A 7 -9.34 -7.52 1.92
CA CYS A 7 -8.14 -7.17 2.68
C CYS A 7 -6.87 -7.25 1.82
N MET A 8 -6.76 -8.23 0.92
CA MET A 8 -5.65 -8.32 -0.04
C MET A 8 -5.69 -7.19 -1.07
N LEU A 9 -6.88 -6.80 -1.54
CA LEU A 9 -7.09 -5.65 -2.43
C LEU A 9 -6.77 -4.33 -1.71
N GLY A 10 -7.12 -4.22 -0.43
CA GLY A 10 -6.81 -3.08 0.43
C GLY A 10 -5.30 -2.97 0.70
N THR A 11 -4.62 -4.10 0.88
CA THR A 11 -3.16 -4.16 1.05
C THR A 11 -2.45 -3.81 -0.26
N LEU A 12 -2.94 -4.30 -1.40
CA LEU A 12 -2.48 -3.90 -2.73
C LEU A 12 -2.65 -2.39 -2.98
N THR A 13 -3.78 -1.81 -2.55
CA THR A 13 -4.07 -0.37 -2.67
C THR A 13 -3.17 0.45 -1.75
N GLN A 14 -2.89 -0.05 -0.55
CA GLN A 14 -1.93 0.53 0.40
C GLN A 14 -0.50 0.49 -0.16
N ASP A 15 -0.16 -0.57 -0.90
CA ASP A 15 1.15 -0.74 -1.55
C ASP A 15 1.30 0.19 -2.76
N PHE A 16 0.23 0.34 -3.55
CA PHE A 16 0.13 1.35 -4.60
C PHE A 16 0.19 2.79 -4.07
N HIS A 17 -0.38 3.06 -2.89
CA HIS A 17 -0.28 4.35 -2.20
C HIS A 17 1.17 4.62 -1.79
N LYS A 18 1.84 3.64 -1.18
CA LYS A 18 3.26 3.72 -0.80
C LYS A 18 4.18 3.93 -2.01
N PHE A 19 3.92 3.23 -3.12
CA PHE A 19 4.58 3.50 -4.41
C PHE A 19 4.28 4.90 -4.96
N HIS A 20 3.08 5.43 -4.71
CA HIS A 20 2.69 6.77 -5.19
C HIS A 20 3.44 7.90 -4.45
N THR A 21 3.62 7.77 -3.13
CA THR A 21 4.50 8.70 -2.37
C THR A 21 5.99 8.46 -2.65
N PHE A 22 6.42 7.21 -2.93
CA PHE A 22 7.83 6.88 -3.18
C PHE A 22 8.00 5.77 -4.26
N PRO A 23 8.21 6.14 -5.55
CA PRO A 23 8.09 5.20 -6.67
C PRO A 23 9.16 4.10 -6.73
N GLN A 24 10.37 4.37 -6.25
CA GLN A 24 11.48 3.40 -6.25
C GLN A 24 11.31 2.28 -5.22
N THR A 25 10.53 2.52 -4.15
CA THR A 25 10.45 1.65 -2.96
C THR A 25 9.15 1.90 -2.22
N ASN A 26 8.26 0.92 -2.26
CA ASN A 26 6.97 0.81 -1.56
C ASN A 26 7.01 0.82 -0.01
N THR A 27 7.81 1.71 0.60
CA THR A 27 7.97 1.87 2.05
C THR A 27 7.99 3.34 2.52
N GLY A 28 7.98 4.31 1.60
CA GLY A 28 8.09 5.76 1.86
C GLY A 28 6.74 6.40 2.13
N VAL A 29 5.95 5.71 2.94
CA VAL A 29 4.53 5.90 3.30
C VAL A 29 4.13 7.34 3.68
N GLY A 30 5.09 8.15 4.14
CA GLY A 30 4.94 9.59 4.37
C GLY A 30 6.22 10.39 4.10
N THR A 31 7.12 9.87 3.26
CA THR A 31 8.45 10.45 2.95
C THR A 31 8.92 9.97 1.57
N PRO A 32 8.82 10.80 0.51
CA PRO A 32 9.37 10.56 -0.85
C PRO A 32 10.90 10.36 -0.98
N CYS A 1 -10.74 -6.76 7.85
CA CYS A 1 -11.62 -6.32 6.74
C CYS A 1 -12.90 -7.18 6.68
N GLY A 2 -13.84 -6.82 5.80
CA GLY A 2 -15.06 -7.61 5.53
C GLY A 2 -14.80 -9.04 5.04
N ASN A 3 -13.73 -9.25 4.24
CA ASN A 3 -13.22 -10.56 3.85
C ASN A 3 -11.73 -10.47 3.46
N LEU A 4 -11.10 -11.63 3.32
CA LEU A 4 -9.67 -11.81 2.99
C LEU A 4 -9.29 -11.08 1.69
N SER A 5 -10.04 -11.32 0.62
CA SER A 5 -9.77 -10.79 -0.72
C SER A 5 -9.89 -9.26 -0.77
N THR A 6 -10.82 -8.70 0.02
CA THR A 6 -10.96 -7.24 0.20
C THR A 6 -9.77 -6.66 0.97
N CYS A 7 -9.31 -7.35 2.02
CA CYS A 7 -8.04 -7.00 2.69
C CYS A 7 -6.79 -7.13 1.79
N MET A 8 -6.74 -8.10 0.86
CA MET A 8 -5.67 -8.21 -0.12
C MET A 8 -5.70 -7.08 -1.15
N LEU A 9 -6.90 -6.68 -1.60
CA LEU A 9 -7.12 -5.53 -2.49
C LEU A 9 -6.76 -4.21 -1.78
N GLY A 10 -7.08 -4.10 -0.49
CA GLY A 10 -6.74 -2.97 0.36
C GLY A 10 -5.22 -2.86 0.60
N THR A 11 -4.55 -4.00 0.78
CA THR A 11 -3.09 -4.08 0.92
C THR A 11 -2.39 -3.74 -0.41
N LEU A 12 -2.92 -4.23 -1.54
CA LEU A 12 -2.48 -3.85 -2.89
C LEU A 12 -2.63 -2.34 -3.13
N THR A 13 -3.75 -1.75 -2.70
CA THR A 13 -4.03 -0.31 -2.82
C THR A 13 -3.11 0.51 -1.92
N GLN A 14 -2.82 0.01 -0.71
CA GLN A 14 -1.83 0.60 0.21
C GLN A 14 -0.42 0.53 -0.35
N ASP A 15 -0.10 -0.53 -1.09
CA ASP A 15 1.21 -0.70 -1.75
C ASP A 15 1.35 0.20 -2.97
N PHE A 16 0.28 0.35 -3.76
CA PHE A 16 0.19 1.38 -4.81
C PHE A 16 0.29 2.81 -4.24
N HIS A 17 -0.27 3.07 -3.06
CA HIS A 17 -0.15 4.34 -2.34
C HIS A 17 1.29 4.57 -1.85
N LYS A 18 1.94 3.55 -1.29
CA LYS A 18 3.35 3.55 -0.88
C LYS A 18 4.30 3.82 -2.05
N PHE A 19 4.05 3.23 -3.21
CA PHE A 19 4.72 3.55 -4.48
C PHE A 19 4.46 5.00 -4.91
N HIS A 20 3.23 5.50 -4.74
CA HIS A 20 2.85 6.86 -5.14
C HIS A 20 3.55 7.94 -4.28
N THR A 21 3.67 7.70 -2.98
CA THR A 21 4.35 8.61 -2.04
C THR A 21 5.88 8.44 -2.06
N PHE A 22 6.41 7.26 -2.46
CA PHE A 22 7.86 7.04 -2.58
C PHE A 22 8.26 6.00 -3.65
N PRO A 23 8.41 6.42 -4.92
CA PRO A 23 8.40 5.51 -6.08
C PRO A 23 9.62 4.59 -6.21
N GLN A 24 10.80 5.06 -5.80
CA GLN A 24 12.06 4.32 -5.92
C GLN A 24 12.33 3.33 -4.77
N THR A 25 11.45 3.29 -3.75
CA THR A 25 11.68 2.58 -2.48
C THR A 25 10.49 1.75 -2.00
N ASN A 26 9.26 2.26 -2.15
CA ASN A 26 8.00 1.61 -1.75
C ASN A 26 7.90 1.32 -0.23
N THR A 27 8.42 2.23 0.60
CA THR A 27 8.26 2.31 2.06
C THR A 27 8.75 3.70 2.50
N GLY A 28 7.83 4.56 2.93
CA GLY A 28 8.09 5.97 3.24
C GLY A 28 6.85 6.83 3.03
N VAL A 29 5.86 6.70 3.93
CA VAL A 29 4.45 7.13 3.75
C VAL A 29 4.25 8.63 3.44
N GLY A 30 5.24 9.48 3.70
CA GLY A 30 5.21 10.94 3.50
C GLY A 30 6.41 11.52 2.74
N THR A 31 6.82 10.85 1.65
CA THR A 31 7.96 11.20 0.76
C THR A 31 9.24 11.64 1.51
N PRO A 32 9.96 10.73 2.19
CA PRO A 32 11.23 10.99 2.89
C PRO A 32 12.36 11.64 2.05
N CYS A 1 -11.16 -6.57 7.85
CA CYS A 1 -11.87 -6.05 6.65
C CYS A 1 -13.15 -6.86 6.39
N GLY A 2 -13.90 -6.55 5.34
CA GLY A 2 -15.13 -7.28 4.95
C GLY A 2 -14.90 -8.78 4.67
N ASN A 3 -13.77 -9.12 4.05
CA ASN A 3 -13.28 -10.48 3.78
C ASN A 3 -11.79 -10.47 3.45
N LEU A 4 -11.18 -11.67 3.35
CA LEU A 4 -9.76 -11.90 3.04
C LEU A 4 -9.34 -11.19 1.75
N SER A 5 -10.07 -11.40 0.66
CA SER A 5 -9.76 -10.82 -0.66
C SER A 5 -9.86 -9.29 -0.67
N THR A 6 -10.73 -8.72 0.17
CA THR A 6 -10.85 -7.27 0.39
C THR A 6 -9.67 -6.73 1.19
N CYS A 7 -9.19 -7.46 2.20
CA CYS A 7 -7.89 -7.16 2.83
C CYS A 7 -6.71 -7.23 1.84
N MET A 8 -6.69 -8.18 0.90
CA MET A 8 -5.63 -8.26 -0.12
C MET A 8 -5.71 -7.09 -1.12
N LEU A 9 -6.92 -6.69 -1.51
CA LEU A 9 -7.17 -5.52 -2.36
C LEU A 9 -6.77 -4.21 -1.65
N GLY A 10 -7.05 -4.12 -0.35
CA GLY A 10 -6.65 -3.01 0.51
C GLY A 10 -5.14 -2.93 0.70
N THR A 11 -4.47 -4.08 0.83
CA THR A 11 -3.01 -4.18 0.93
C THR A 11 -2.35 -3.83 -0.40
N LEU A 12 -2.91 -4.28 -1.52
CA LEU A 12 -2.51 -3.87 -2.88
C LEU A 12 -2.65 -2.35 -3.07
N THR A 13 -3.76 -1.77 -2.64
CA THR A 13 -4.04 -0.32 -2.74
C THR A 13 -3.09 0.49 -1.86
N GLN A 14 -2.76 -0.03 -0.67
CA GLN A 14 -1.74 0.51 0.24
C GLN A 14 -0.36 0.46 -0.41
N ASP A 15 -0.08 -0.57 -1.22
CA ASP A 15 1.17 -0.72 -1.96
C ASP A 15 1.28 0.25 -3.14
N PHE A 16 0.18 0.47 -3.86
CA PHE A 16 0.08 1.55 -4.85
C PHE A 16 0.21 2.95 -4.23
N HIS A 17 -0.35 3.15 -3.03
CA HIS A 17 -0.15 4.36 -2.23
C HIS A 17 1.33 4.53 -1.83
N LYS A 18 1.98 3.46 -1.36
CA LYS A 18 3.41 3.39 -1.03
C LYS A 18 4.31 3.77 -2.22
N PHE A 19 4.03 3.22 -3.40
CA PHE A 19 4.67 3.63 -4.65
C PHE A 19 4.38 5.10 -5.03
N HIS A 20 3.18 5.60 -4.73
CA HIS A 20 2.80 6.98 -5.03
C HIS A 20 3.53 8.00 -4.14
N THR A 21 3.66 7.70 -2.86
CA THR A 21 4.35 8.58 -1.89
C THR A 21 5.88 8.46 -1.98
N PHE A 22 6.42 7.31 -2.41
CA PHE A 22 7.86 7.08 -2.59
C PHE A 22 8.13 5.95 -3.63
N PRO A 23 8.23 6.26 -4.93
CA PRO A 23 8.27 5.26 -6.00
C PRO A 23 9.55 4.40 -6.02
N GLN A 24 10.68 4.97 -5.64
CA GLN A 24 11.98 4.27 -5.62
C GLN A 24 12.07 3.22 -4.50
N THR A 25 11.65 3.61 -3.30
CA THR A 25 11.83 2.80 -2.06
C THR A 25 10.60 1.95 -1.69
N ASN A 26 9.39 2.36 -2.10
CA ASN A 26 8.10 1.67 -1.86
C ASN A 26 7.70 1.60 -0.37
N THR A 27 8.18 2.52 0.47
CA THR A 27 7.78 2.73 1.88
C THR A 27 8.21 4.12 2.33
N GLY A 28 7.23 4.99 2.57
CA GLY A 28 7.42 6.38 2.98
C GLY A 28 6.10 7.12 3.11
N VAL A 29 5.25 6.67 4.06
CA VAL A 29 3.79 6.87 4.13
C VAL A 29 3.28 8.31 3.98
N GLY A 30 4.15 9.31 4.15
CA GLY A 30 3.87 10.72 3.87
C GLY A 30 5.04 11.54 3.31
N THR A 31 6.09 10.91 2.75
CA THR A 31 7.25 11.61 2.17
C THR A 31 8.09 10.74 1.19
N PRO A 32 8.56 11.31 0.06
CA PRO A 32 9.58 10.68 -0.82
C PRO A 32 11.01 10.81 -0.28
N CYS A 1 -12.19 -3.31 5.74
CA CYS A 1 -12.14 -4.71 5.26
C CYS A 1 -13.48 -5.43 5.57
N GLY A 2 -13.60 -6.72 5.23
CA GLY A 2 -14.78 -7.57 5.45
C GLY A 2 -14.57 -9.04 5.06
N ASN A 3 -13.63 -9.33 4.16
CA ASN A 3 -13.17 -10.66 3.77
C ASN A 3 -11.70 -10.61 3.31
N LEU A 4 -11.08 -11.78 3.16
CA LEU A 4 -9.67 -11.96 2.76
C LEU A 4 -9.32 -11.17 1.49
N SER A 5 -10.10 -11.36 0.44
CA SER A 5 -9.86 -10.76 -0.89
C SER A 5 -9.95 -9.23 -0.84
N THR A 6 -10.82 -8.70 0.02
CA THR A 6 -10.96 -7.25 0.26
C THR A 6 -9.77 -6.70 1.06
N CYS A 7 -9.29 -7.43 2.07
CA CYS A 7 -8.03 -7.11 2.76
C CYS A 7 -6.80 -7.16 1.83
N MET A 8 -6.75 -8.12 0.89
CA MET A 8 -5.66 -8.20 -0.10
C MET A 8 -5.73 -7.05 -1.11
N LEU A 9 -6.94 -6.66 -1.55
CA LEU A 9 -7.16 -5.50 -2.42
C LEU A 9 -6.82 -4.19 -1.69
N GLY A 10 -7.14 -4.09 -0.41
CA GLY A 10 -6.80 -2.97 0.46
C GLY A 10 -5.29 -2.85 0.68
N THR A 11 -4.60 -3.99 0.86
CA THR A 11 -3.14 -4.04 1.00
C THR A 11 -2.45 -3.70 -0.33
N LEU A 12 -2.98 -4.18 -1.46
CA LEU A 12 -2.55 -3.78 -2.80
C LEU A 12 -2.72 -2.26 -3.04
N THR A 13 -3.83 -1.68 -2.59
CA THR A 13 -4.11 -0.24 -2.69
C THR A 13 -3.18 0.56 -1.77
N GLN A 14 -2.88 0.03 -0.59
CA GLN A 14 -1.91 0.61 0.35
C GLN A 14 -0.49 0.57 -0.21
N ASP A 15 -0.12 -0.52 -0.88
CA ASP A 15 1.18 -0.70 -1.54
C ASP A 15 1.31 0.25 -2.74
N PHE A 16 0.24 0.40 -3.53
CA PHE A 16 0.13 1.42 -4.58
C PHE A 16 0.23 2.86 -4.05
N HIS A 17 -0.36 3.17 -2.89
CA HIS A 17 -0.19 4.46 -2.19
C HIS A 17 1.29 4.70 -1.84
N LYS A 18 1.92 3.66 -1.28
CA LYS A 18 3.33 3.66 -0.85
C LYS A 18 4.30 3.88 -2.03
N PHE A 19 4.04 3.21 -3.16
CA PHE A 19 4.71 3.42 -4.44
C PHE A 19 4.47 4.83 -5.03
N HIS A 20 3.25 5.37 -4.84
CA HIS A 20 2.87 6.70 -5.32
C HIS A 20 3.66 7.81 -4.60
N THR A 21 3.85 7.68 -3.28
CA THR A 21 4.62 8.65 -2.49
C THR A 21 6.14 8.44 -2.59
N PHE A 22 6.63 7.26 -2.99
CA PHE A 22 8.06 6.94 -3.11
C PHE A 22 8.30 5.78 -4.12
N PRO A 23 8.88 6.02 -5.32
CA PRO A 23 8.77 5.10 -6.47
C PRO A 23 9.43 3.72 -6.35
N GLN A 24 10.47 3.58 -5.50
CA GLN A 24 11.11 2.31 -5.15
C GLN A 24 10.56 1.68 -3.84
N THR A 25 9.63 2.39 -3.18
CA THR A 25 8.82 2.14 -1.98
C THR A 25 9.44 1.54 -0.69
N ASN A 26 10.70 1.07 -0.71
CA ASN A 26 11.33 0.27 0.35
C ASN A 26 11.05 0.67 1.83
N THR A 27 11.07 1.96 2.17
CA THR A 27 10.53 2.55 3.41
C THR A 27 10.39 4.06 3.24
N GLY A 28 9.15 4.55 3.20
CA GLY A 28 8.81 5.98 3.14
C GLY A 28 7.32 6.24 2.91
N VAL A 29 6.50 5.77 3.85
CA VAL A 29 5.01 5.75 3.78
C VAL A 29 4.33 7.13 3.59
N GLY A 30 5.05 8.23 3.81
CA GLY A 30 4.53 9.60 3.60
C GLY A 30 5.58 10.64 3.21
N THR A 31 6.72 10.22 2.63
CA THR A 31 7.83 11.10 2.22
C THR A 31 8.63 10.46 1.07
N PRO A 32 8.97 11.19 -0.01
CA PRO A 32 9.79 10.70 -1.13
C PRO A 32 11.30 10.62 -0.79
N CYS A 1 -12.14 -3.28 5.75
CA CYS A 1 -12.12 -4.68 5.27
C CYS A 1 -13.46 -5.38 5.57
N GLY A 2 -13.58 -6.67 5.23
CA GLY A 2 -14.78 -7.50 5.44
C GLY A 2 -14.59 -8.98 5.06
N ASN A 3 -13.66 -9.28 4.15
CA ASN A 3 -13.20 -10.61 3.76
C ASN A 3 -11.74 -10.57 3.31
N LEU A 4 -11.12 -11.75 3.15
CA LEU A 4 -9.72 -11.94 2.76
C LEU A 4 -9.36 -11.16 1.49
N SER A 5 -10.15 -11.34 0.43
CA SER A 5 -9.90 -10.74 -0.89
C SER A 5 -9.98 -9.21 -0.84
N THR A 6 -10.84 -8.66 0.02
CA THR A 6 -10.97 -7.22 0.26
C THR A 6 -9.77 -6.69 1.07
N CYS A 7 -9.29 -7.43 2.07
CA CYS A 7 -8.03 -7.12 2.76
C CYS A 7 -6.81 -7.19 1.83
N MET A 8 -6.76 -8.14 0.88
CA MET A 8 -5.68 -8.22 -0.11
C MET A 8 -5.74 -7.06 -1.12
N LEU A 9 -6.94 -6.66 -1.54
CA LEU A 9 -7.16 -5.49 -2.40
C LEU A 9 -6.78 -4.19 -1.67
N GLY A 10 -7.11 -4.10 -0.38
CA GLY A 10 -6.75 -2.98 0.49
C GLY A 10 -5.24 -2.89 0.72
N THR A 11 -4.57 -4.04 0.87
CA THR A 11 -3.11 -4.12 1.00
C THR A 11 -2.43 -3.75 -0.32
N LEU A 12 -2.95 -4.22 -1.46
CA LEU A 12 -2.52 -3.81 -2.80
C LEU A 12 -2.67 -2.29 -3.01
N THR A 13 -3.79 -1.71 -2.57
CA THR A 13 -4.05 -0.26 -2.66
C THR A 13 -3.13 0.54 -1.75
N GLN A 14 -2.83 0.01 -0.56
CA GLN A 14 -1.86 0.57 0.39
C GLN A 14 -0.44 0.53 -0.20
N ASP A 15 -0.10 -0.52 -0.95
CA ASP A 15 1.20 -0.67 -1.61
C ASP A 15 1.33 0.24 -2.84
N PHE A 16 0.25 0.39 -3.61
CA PHE A 16 0.13 1.41 -4.66
C PHE A 16 0.25 2.84 -4.11
N HIS A 17 -0.28 3.12 -2.91
CA HIS A 17 -0.08 4.38 -2.20
C HIS A 17 1.40 4.55 -1.84
N LYS A 18 2.01 3.54 -1.22
CA LYS A 18 3.44 3.53 -0.83
C LYS A 18 4.38 3.82 -2.01
N PHE A 19 4.11 3.19 -3.16
CA PHE A 19 4.77 3.48 -4.45
C PHE A 19 4.46 4.87 -4.99
N HIS A 20 3.24 5.39 -4.81
CA HIS A 20 2.83 6.69 -5.34
C HIS A 20 3.53 7.87 -4.63
N THR A 21 3.64 7.81 -3.31
CA THR A 21 4.34 8.84 -2.52
C THR A 21 5.87 8.63 -2.46
N PHE A 22 6.36 7.42 -2.77
CA PHE A 22 7.80 7.14 -2.92
C PHE A 22 8.11 6.05 -3.99
N PRO A 23 8.46 6.44 -5.23
CA PRO A 23 8.44 5.53 -6.39
C PRO A 23 9.54 4.47 -6.42
N GLN A 24 10.75 4.78 -5.96
CA GLN A 24 11.90 3.87 -6.02
C GLN A 24 12.00 2.91 -4.82
N THR A 25 11.19 3.12 -3.77
CA THR A 25 11.16 2.33 -2.54
C THR A 25 9.78 2.43 -1.91
N ASN A 26 8.99 1.38 -2.03
CA ASN A 26 7.62 1.25 -1.52
C ASN A 26 7.53 1.15 0.02
N THR A 27 7.99 2.18 0.73
CA THR A 27 8.04 2.27 2.21
C THR A 27 7.84 3.71 2.74
N GLY A 28 7.70 4.68 1.83
CA GLY A 28 7.83 6.11 2.07
C GLY A 28 6.49 6.83 2.00
N VAL A 29 5.59 6.38 2.85
CA VAL A 29 4.21 6.85 3.11
C VAL A 29 4.01 8.38 3.25
N GLY A 30 5.09 9.15 3.39
CA GLY A 30 5.11 10.62 3.44
C GLY A 30 6.30 11.28 2.70
N THR A 31 6.68 10.75 1.53
CA THR A 31 7.81 11.18 0.67
C THR A 31 9.11 11.53 1.45
N PRO A 32 9.86 10.54 1.96
CA PRO A 32 11.16 10.73 2.61
C PRO A 32 12.23 11.48 1.78
N CYS A 1 -12.19 -3.28 5.70
CA CYS A 1 -12.15 -4.69 5.23
C CYS A 1 -13.48 -5.42 5.56
N GLY A 2 -13.58 -6.71 5.22
CA GLY A 2 -14.76 -7.55 5.45
C GLY A 2 -14.56 -9.04 5.08
N ASN A 3 -13.62 -9.33 4.17
CA ASN A 3 -13.14 -10.66 3.80
C ASN A 3 -11.67 -10.61 3.35
N LEU A 4 -11.05 -11.78 3.21
CA LEU A 4 -9.63 -11.95 2.82
C LEU A 4 -9.29 -11.18 1.54
N SER A 5 -10.06 -11.38 0.49
CA SER A 5 -9.82 -10.80 -0.84
C SER A 5 -9.93 -9.27 -0.82
N THR A 6 -10.81 -8.73 0.02
CA THR A 6 -10.96 -7.29 0.26
C THR A 6 -9.77 -6.72 1.05
N CYS A 7 -9.28 -7.44 2.06
CA CYS A 7 -8.02 -7.10 2.75
C CYS A 7 -6.81 -7.17 1.81
N MET A 8 -6.74 -8.12 0.87
CA MET A 8 -5.67 -8.19 -0.13
C MET A 8 -5.75 -7.05 -1.15
N LEU A 9 -6.95 -6.66 -1.57
CA LEU A 9 -7.20 -5.49 -2.43
C LEU A 9 -6.84 -4.18 -1.70
N GLY A 10 -7.15 -4.10 -0.41
CA GLY A 10 -6.79 -2.99 0.47
C GLY A 10 -5.28 -2.88 0.68
N THR A 11 -4.59 -4.02 0.83
CA THR A 11 -3.13 -4.09 0.94
C THR A 11 -2.46 -3.70 -0.39
N LEU A 12 -3.00 -4.17 -1.52
CA LEU A 12 -2.59 -3.75 -2.86
C LEU A 12 -2.76 -2.23 -3.08
N THR A 13 -3.87 -1.66 -2.62
CA THR A 13 -4.15 -0.22 -2.70
C THR A 13 -3.21 0.59 -1.80
N GLN A 14 -2.91 0.06 -0.61
CA GLN A 14 -1.96 0.63 0.34
C GLN A 14 -0.53 0.60 -0.21
N ASP A 15 -0.17 -0.47 -0.92
CA ASP A 15 1.11 -0.66 -1.59
C ASP A 15 1.24 0.28 -2.80
N PHE A 16 0.16 0.45 -3.58
CA PHE A 16 0.09 1.47 -4.62
C PHE A 16 0.23 2.90 -4.08
N HIS A 17 -0.36 3.20 -2.92
CA HIS A 17 -0.21 4.48 -2.20
C HIS A 17 1.24 4.71 -1.73
N LYS A 18 1.86 3.67 -1.17
CA LYS A 18 3.28 3.64 -0.81
C LYS A 18 4.17 3.94 -2.02
N PHE A 19 4.04 3.15 -3.10
CA PHE A 19 4.76 3.33 -4.37
C PHE A 19 4.55 4.73 -4.98
N HIS A 20 3.37 5.31 -4.78
CA HIS A 20 2.99 6.63 -5.29
C HIS A 20 3.77 7.75 -4.60
N THR A 21 3.94 7.68 -3.28
CA THR A 21 4.69 8.71 -2.54
C THR A 21 6.21 8.50 -2.57
N PHE A 22 6.68 7.26 -2.83
CA PHE A 22 8.08 6.90 -3.13
C PHE A 22 8.23 5.41 -3.51
N PRO A 23 9.26 5.00 -4.28
CA PRO A 23 9.50 3.58 -4.56
C PRO A 23 10.00 2.80 -3.32
N GLN A 24 10.94 3.36 -2.55
CA GLN A 24 11.61 2.68 -1.43
C GLN A 24 10.88 2.78 -0.08
N THR A 25 9.88 3.67 0.04
CA THR A 25 9.07 3.84 1.26
C THR A 25 8.17 2.63 1.58
N ASN A 26 8.10 1.65 0.68
CA ASN A 26 7.37 0.40 0.84
C ASN A 26 7.72 -0.41 2.11
N THR A 27 8.87 -0.12 2.74
CA THR A 27 9.23 -0.62 4.08
C THR A 27 8.32 -0.13 5.23
N GLY A 28 7.49 0.88 4.99
CA GLY A 28 6.58 1.48 5.97
C GLY A 28 5.27 1.99 5.35
N VAL A 29 5.21 3.29 5.03
CA VAL A 29 3.96 3.96 4.57
C VAL A 29 4.18 5.22 3.73
N GLY A 30 5.02 6.15 4.19
CA GLY A 30 5.05 7.52 3.66
C GLY A 30 6.14 8.38 4.26
N THR A 31 7.40 7.99 4.02
CA THR A 31 8.61 8.64 4.57
C THR A 31 8.79 10.16 4.28
N PRO A 32 8.33 10.77 3.17
CA PRO A 32 8.48 12.21 2.95
C PRO A 32 7.41 13.06 3.67
N CYS A 1 -12.14 -3.33 5.79
CA CYS A 1 -12.12 -4.73 5.30
C CYS A 1 -13.47 -5.44 5.60
N GLY A 2 -13.60 -6.71 5.23
CA GLY A 2 -14.80 -7.54 5.44
C GLY A 2 -14.62 -9.02 5.03
N ASN A 3 -13.67 -9.31 4.13
CA ASN A 3 -13.23 -10.65 3.72
C ASN A 3 -11.76 -10.60 3.26
N LEU A 4 -11.16 -11.78 3.09
CA LEU A 4 -9.75 -11.97 2.70
C LEU A 4 -9.39 -11.19 1.45
N SER A 5 -10.17 -11.35 0.38
CA SER A 5 -9.92 -10.73 -0.93
C SER A 5 -9.99 -9.20 -0.86
N THR A 6 -10.86 -8.66 0.00
CA THR A 6 -10.97 -7.22 0.26
C THR A 6 -9.77 -6.70 1.07
N CYS A 7 -9.30 -7.45 2.06
CA CYS A 7 -8.05 -7.15 2.77
C CYS A 7 -6.82 -7.21 1.83
N MET A 8 -6.77 -8.16 0.88
CA MET A 8 -5.69 -8.23 -0.12
C MET A 8 -5.74 -7.07 -1.11
N LEU A 9 -6.94 -6.65 -1.53
CA LEU A 9 -7.16 -5.47 -2.38
C LEU A 9 -6.79 -4.18 -1.64
N GLY A 10 -7.10 -4.10 -0.35
CA GLY A 10 -6.73 -3.00 0.53
C GLY A 10 -5.22 -2.91 0.76
N THR A 11 -4.55 -4.06 0.90
CA THR A 11 -3.09 -4.16 1.02
C THR A 11 -2.40 -3.78 -0.31
N LEU A 12 -2.95 -4.22 -1.44
CA LEU A 12 -2.52 -3.79 -2.78
C LEU A 12 -2.68 -2.27 -2.99
N THR A 13 -3.79 -1.69 -2.52
CA THR A 13 -4.05 -0.24 -2.60
C THR A 13 -3.10 0.54 -1.68
N GLN A 14 -2.80 0.01 -0.50
CA GLN A 14 -1.82 0.55 0.45
C GLN A 14 -0.39 0.47 -0.13
N ASP A 15 -0.09 -0.58 -0.88
CA ASP A 15 1.19 -0.77 -1.57
C ASP A 15 1.34 0.21 -2.74
N PHE A 16 0.28 0.41 -3.51
CA PHE A 16 0.20 1.45 -4.54
C PHE A 16 0.28 2.87 -3.96
N HIS A 17 -0.32 3.15 -2.80
CA HIS A 17 -0.20 4.42 -2.07
C HIS A 17 1.26 4.69 -1.67
N LYS A 18 1.93 3.65 -1.15
CA LYS A 18 3.37 3.67 -0.86
C LYS A 18 4.19 4.03 -2.10
N PHE A 19 4.01 3.30 -3.20
CA PHE A 19 4.78 3.49 -4.43
C PHE A 19 4.41 4.78 -5.19
N HIS A 20 3.25 5.36 -4.90
CA HIS A 20 2.82 6.68 -5.39
C HIS A 20 3.62 7.81 -4.73
N THR A 21 3.84 7.75 -3.41
CA THR A 21 4.54 8.83 -2.70
C THR A 21 6.07 8.75 -2.83
N PHE A 22 6.64 7.56 -3.09
CA PHE A 22 8.10 7.33 -3.12
C PHE A 22 8.50 6.01 -3.84
N PRO A 23 9.70 5.91 -4.45
CA PRO A 23 10.24 4.65 -4.99
C PRO A 23 10.88 3.74 -3.92
N GLN A 24 11.63 4.29 -2.94
CA GLN A 24 12.29 3.55 -1.85
C GLN A 24 11.35 3.28 -0.63
N THR A 25 10.09 3.65 -0.79
CA THR A 25 8.98 3.70 0.19
C THR A 25 8.88 2.56 1.20
N ASN A 26 9.32 1.34 0.85
CA ASN A 26 9.36 0.17 1.75
C ASN A 26 10.22 0.39 3.02
N THR A 27 11.05 1.44 3.05
CA THR A 27 11.72 1.95 4.26
C THR A 27 10.75 2.39 5.38
N GLY A 28 9.48 2.62 5.06
CA GLY A 28 8.39 2.88 6.00
C GLY A 28 7.01 2.82 5.34
N VAL A 29 6.52 3.97 4.86
CA VAL A 29 5.16 4.16 4.27
C VAL A 29 4.98 5.45 3.47
N GLY A 30 5.74 6.49 3.81
CA GLY A 30 5.57 7.86 3.31
C GLY A 30 6.80 8.70 3.68
N THR A 31 7.96 8.11 3.41
CA THR A 31 9.18 8.25 4.21
C THR A 31 10.42 8.15 3.31
N PRO A 32 11.31 9.16 3.27
CA PRO A 32 12.47 9.18 2.36
C PRO A 32 13.59 8.18 2.73
N CYS A 1 -10.22 -3.45 4.58
CA CYS A 1 -10.50 -4.89 4.87
C CYS A 1 -12.03 -5.14 4.95
N GLY A 2 -12.47 -6.39 5.06
CA GLY A 2 -13.90 -6.77 5.21
C GLY A 2 -14.19 -8.24 4.86
N ASN A 3 -13.44 -8.78 3.90
CA ASN A 3 -13.29 -10.18 3.54
C ASN A 3 -11.79 -10.43 3.27
N LEU A 4 -11.37 -11.68 3.07
CA LEU A 4 -9.97 -12.01 2.76
C LEU A 4 -9.48 -11.28 1.50
N SER A 5 -10.22 -11.45 0.41
CA SER A 5 -10.00 -10.80 -0.90
C SER A 5 -10.01 -9.28 -0.83
N THR A 6 -10.92 -8.73 -0.02
CA THR A 6 -11.04 -7.28 0.24
C THR A 6 -9.82 -6.77 1.01
N CYS A 7 -9.33 -7.54 1.98
CA CYS A 7 -8.10 -7.26 2.72
C CYS A 7 -6.85 -7.31 1.82
N MET A 8 -6.77 -8.27 0.87
CA MET A 8 -5.68 -8.35 -0.10
C MET A 8 -5.72 -7.19 -1.11
N LEU A 9 -6.92 -6.77 -1.54
CA LEU A 9 -7.13 -5.61 -2.40
C LEU A 9 -6.78 -4.31 -1.67
N GLY A 10 -7.11 -4.22 -0.38
CA GLY A 10 -6.75 -3.11 0.49
C GLY A 10 -5.24 -3.02 0.73
N THR A 11 -4.58 -4.16 0.91
CA THR A 11 -3.12 -4.26 1.06
C THR A 11 -2.40 -3.90 -0.25
N LEU A 12 -2.95 -4.34 -1.40
CA LEU A 12 -2.49 -3.91 -2.73
C LEU A 12 -2.65 -2.39 -2.92
N THR A 13 -3.77 -1.82 -2.51
CA THR A 13 -4.04 -0.37 -2.61
C THR A 13 -3.10 0.43 -1.69
N GLN A 14 -2.82 -0.10 -0.51
CA GLN A 14 -1.83 0.43 0.45
C GLN A 14 -0.41 0.38 -0.14
N ASP A 15 -0.11 -0.64 -0.93
CA ASP A 15 1.17 -0.81 -1.62
C ASP A 15 1.33 0.17 -2.79
N PHE A 16 0.25 0.41 -3.54
CA PHE A 16 0.21 1.48 -4.53
C PHE A 16 0.27 2.88 -3.91
N HIS A 17 -0.35 3.11 -2.75
CA HIS A 17 -0.24 4.36 -1.97
C HIS A 17 1.22 4.64 -1.60
N LYS A 18 1.92 3.61 -1.12
CA LYS A 18 3.36 3.62 -0.86
C LYS A 18 4.14 4.04 -2.12
N PHE A 19 4.02 3.28 -3.21
CA PHE A 19 4.79 3.53 -4.44
C PHE A 19 4.39 4.82 -5.17
N HIS A 20 3.21 5.37 -4.87
CA HIS A 20 2.75 6.68 -5.33
C HIS A 20 3.48 7.83 -4.61
N THR A 21 3.55 7.80 -3.28
CA THR A 21 4.12 8.92 -2.51
C THR A 21 5.66 8.97 -2.56
N PHE A 22 6.30 7.84 -2.88
CA PHE A 22 7.75 7.67 -2.99
C PHE A 22 8.10 6.35 -3.71
N PRO A 23 9.11 6.29 -4.60
CA PRO A 23 9.55 5.03 -5.21
C PRO A 23 10.20 4.05 -4.22
N GLN A 24 10.77 4.54 -3.11
CA GLN A 24 11.61 3.79 -2.17
C GLN A 24 11.04 3.63 -0.75
N THR A 25 9.84 4.18 -0.48
CA THR A 25 9.19 4.12 0.86
C THR A 25 8.73 2.73 1.30
N ASN A 26 8.98 1.68 0.51
CA ASN A 26 8.87 0.28 0.97
C ASN A 26 9.65 -0.01 2.29
N THR A 27 10.61 0.85 2.64
CA THR A 27 11.29 0.89 3.97
C THR A 27 10.40 1.29 5.15
N GLY A 28 9.21 1.86 4.91
CA GLY A 28 8.23 2.31 5.89
C GLY A 28 6.81 2.31 5.34
N VAL A 29 6.31 3.50 4.95
CA VAL A 29 4.92 3.69 4.44
C VAL A 29 4.69 5.00 3.65
N GLY A 30 5.30 6.10 4.09
CA GLY A 30 5.09 7.45 3.54
C GLY A 30 6.28 8.35 3.87
N THR A 31 7.47 7.82 3.59
CA THR A 31 8.70 8.07 4.35
C THR A 31 9.94 8.00 3.44
N PRO A 32 10.95 8.85 3.64
CA PRO A 32 12.14 8.89 2.77
C PRO A 32 13.03 7.64 2.92
N CYS A 1 -11.96 -3.27 5.78
CA CYS A 1 -11.96 -4.67 5.30
C CYS A 1 -13.33 -5.34 5.60
N GLY A 2 -13.48 -6.63 5.27
CA GLY A 2 -14.70 -7.43 5.47
C GLY A 2 -14.55 -8.91 5.09
N ASN A 3 -13.63 -9.22 4.18
CA ASN A 3 -13.20 -10.57 3.79
C ASN A 3 -11.74 -10.56 3.33
N LEU A 4 -11.15 -11.75 3.18
CA LEU A 4 -9.74 -11.96 2.80
C LEU A 4 -9.36 -11.20 1.53
N SER A 5 -10.15 -11.36 0.47
CA SER A 5 -9.90 -10.76 -0.85
C SER A 5 -9.98 -9.23 -0.81
N THR A 6 -10.83 -8.68 0.05
CA THR A 6 -10.95 -7.23 0.29
C THR A 6 -9.75 -6.71 1.08
N CYS A 7 -9.26 -7.46 2.08
CA CYS A 7 -7.98 -7.16 2.74
C CYS A 7 -6.78 -7.24 1.79
N MET A 8 -6.75 -8.17 0.83
CA MET A 8 -5.70 -8.26 -0.20
C MET A 8 -5.77 -7.08 -1.18
N LEU A 9 -6.97 -6.66 -1.58
CA LEU A 9 -7.20 -5.47 -2.42
C LEU A 9 -6.81 -4.18 -1.68
N GLY A 10 -7.11 -4.11 -0.39
CA GLY A 10 -6.73 -3.01 0.49
C GLY A 10 -5.22 -2.93 0.69
N THR A 11 -4.55 -4.08 0.83
CA THR A 11 -3.08 -4.16 0.92
C THR A 11 -2.41 -3.78 -0.40
N LEU A 12 -2.96 -4.23 -1.53
CA LEU A 12 -2.55 -3.82 -2.88
C LEU A 12 -2.70 -2.29 -3.07
N THR A 13 -3.81 -1.72 -2.62
CA THR A 13 -4.08 -0.27 -2.69
C THR A 13 -3.12 0.52 -1.78
N GLN A 14 -2.82 -0.02 -0.59
CA GLN A 14 -1.86 0.55 0.36
C GLN A 14 -0.42 0.49 -0.21
N ASP A 15 -0.08 -0.56 -0.94
CA ASP A 15 1.19 -0.71 -1.65
C ASP A 15 1.27 0.30 -2.81
N PHE A 16 0.21 0.44 -3.60
CA PHE A 16 0.11 1.46 -4.63
C PHE A 16 0.22 2.89 -4.08
N HIS A 17 -0.37 3.18 -2.91
CA HIS A 17 -0.25 4.45 -2.19
C HIS A 17 1.19 4.72 -1.74
N LYS A 18 1.85 3.69 -1.18
CA LYS A 18 3.26 3.72 -0.80
C LYS A 18 4.17 4.01 -2.00
N PHE A 19 4.08 3.19 -3.06
CA PHE A 19 4.85 3.37 -4.31
C PHE A 19 4.60 4.74 -4.96
N HIS A 20 3.39 5.29 -4.80
CA HIS A 20 3.01 6.61 -5.33
C HIS A 20 3.72 7.75 -4.61
N THR A 21 3.74 7.74 -3.27
CA THR A 21 4.39 8.82 -2.51
C THR A 21 5.92 8.71 -2.55
N PHE A 22 6.46 7.50 -2.71
CA PHE A 22 7.89 7.20 -2.82
C PHE A 22 8.11 5.75 -3.33
N PRO A 23 8.87 5.51 -4.42
CA PRO A 23 9.06 4.16 -4.97
C PRO A 23 9.74 3.18 -4.01
N GLN A 24 10.57 3.67 -3.08
CA GLN A 24 11.36 2.88 -2.13
C GLN A 24 10.77 2.80 -0.70
N THR A 25 9.66 3.50 -0.41
CA THR A 25 9.04 3.52 0.94
C THR A 25 8.19 2.28 1.26
N ASN A 26 8.05 1.34 0.33
CA ASN A 26 7.08 0.24 0.41
C ASN A 26 7.15 -0.65 1.68
N THR A 27 8.27 -0.63 2.40
CA THR A 27 8.44 -1.28 3.72
C THR A 27 7.82 -0.50 4.91
N GLY A 28 7.32 0.72 4.70
CA GLY A 28 6.83 1.64 5.72
C GLY A 28 5.46 2.25 5.38
N VAL A 29 5.42 3.48 4.85
CA VAL A 29 4.17 4.21 4.53
C VAL A 29 4.34 5.46 3.65
N GLY A 30 5.34 6.30 3.92
CA GLY A 30 5.39 7.66 3.36
C GLY A 30 6.60 8.47 3.82
N THR A 31 7.79 7.95 3.51
CA THR A 31 9.08 8.45 4.02
C THR A 31 10.24 8.16 3.04
N PRO A 32 11.26 9.02 2.95
CA PRO A 32 12.46 8.75 2.14
C PRO A 32 13.25 7.53 2.64
N CYS A 1 -11.14 -6.73 7.84
CA CYS A 1 -11.87 -6.20 6.66
C CYS A 1 -13.14 -7.03 6.39
N GLY A 2 -13.90 -6.70 5.34
CA GLY A 2 -15.11 -7.45 4.96
C GLY A 2 -14.86 -8.94 4.65
N ASN A 3 -13.73 -9.26 4.01
CA ASN A 3 -13.24 -10.60 3.72
C ASN A 3 -11.72 -10.57 3.39
N LEU A 4 -11.11 -11.75 3.28
CA LEU A 4 -9.69 -11.95 2.95
C LEU A 4 -9.28 -11.21 1.66
N SER A 5 -10.01 -11.42 0.57
CA SER A 5 -9.73 -10.82 -0.74
C SER A 5 -9.84 -9.29 -0.72
N THR A 6 -10.71 -8.75 0.13
CA THR A 6 -10.86 -7.31 0.37
C THR A 6 -9.68 -6.75 1.18
N CYS A 7 -9.19 -7.50 2.17
CA CYS A 7 -7.89 -7.19 2.80
C CYS A 7 -6.71 -7.22 1.81
N MET A 8 -6.68 -8.15 0.85
CA MET A 8 -5.63 -8.20 -0.18
C MET A 8 -5.73 -7.02 -1.16
N LEU A 9 -6.96 -6.61 -1.52
CA LEU A 9 -7.22 -5.44 -2.35
C LEU A 9 -6.84 -4.14 -1.62
N GLY A 10 -7.11 -4.08 -0.32
CA GLY A 10 -6.72 -2.98 0.56
C GLY A 10 -5.21 -2.88 0.72
N THR A 11 -4.52 -4.02 0.83
CA THR A 11 -3.05 -4.10 0.90
C THR A 11 -2.41 -3.72 -0.44
N LEU A 12 -3.00 -4.16 -1.56
CA LEU A 12 -2.62 -3.73 -2.91
C LEU A 12 -2.78 -2.20 -3.09
N THR A 13 -3.88 -1.62 -2.58
CA THR A 13 -4.15 -0.18 -2.62
C THR A 13 -3.16 0.58 -1.72
N GLN A 14 -2.81 0.00 -0.57
CA GLN A 14 -1.79 0.55 0.35
C GLN A 14 -0.39 0.50 -0.27
N ASP A 15 -0.07 -0.57 -1.00
CA ASP A 15 1.18 -0.76 -1.72
C ASP A 15 1.28 0.23 -2.89
N PHE A 16 0.18 0.45 -3.61
CA PHE A 16 0.07 1.51 -4.62
C PHE A 16 0.21 2.92 -4.02
N HIS A 17 -0.34 3.18 -2.83
CA HIS A 17 -0.15 4.43 -2.08
C HIS A 17 1.33 4.64 -1.71
N LYS A 18 1.97 3.59 -1.22
CA LYS A 18 3.42 3.52 -0.94
C LYS A 18 4.25 3.89 -2.17
N PHE A 19 4.02 3.22 -3.29
CA PHE A 19 4.71 3.49 -4.56
C PHE A 19 4.34 4.85 -5.17
N HIS A 20 3.18 5.42 -4.84
CA HIS A 20 2.79 6.78 -5.22
C HIS A 20 3.62 7.84 -4.47
N THR A 21 3.84 7.66 -3.16
CA THR A 21 4.62 8.62 -2.37
C THR A 21 6.15 8.41 -2.50
N PHE A 22 6.59 7.21 -2.90
CA PHE A 22 7.99 6.89 -3.21
C PHE A 22 8.12 5.82 -4.32
N PRO A 23 8.41 6.21 -5.57
CA PRO A 23 8.32 5.35 -6.75
C PRO A 23 9.45 4.32 -6.89
N GLN A 24 10.63 4.66 -6.37
CA GLN A 24 11.88 3.91 -6.57
C GLN A 24 12.07 2.72 -5.60
N THR A 25 11.18 2.60 -4.59
CA THR A 25 11.07 1.60 -3.49
C THR A 25 10.44 2.29 -2.27
N ASN A 26 9.39 1.67 -1.71
CA ASN A 26 8.83 2.02 -0.40
C ASN A 26 8.46 0.73 0.36
N THR A 27 8.67 0.72 1.68
CA THR A 27 8.61 -0.48 2.53
C THR A 27 7.68 -0.38 3.75
N GLY A 28 7.08 0.79 3.99
CA GLY A 28 6.24 1.07 5.16
C GLY A 28 4.97 1.86 4.84
N VAL A 29 5.09 3.18 4.73
CA VAL A 29 4.00 4.11 4.40
C VAL A 29 4.54 5.24 3.52
N GLY A 30 5.45 6.05 4.07
CA GLY A 30 6.19 7.14 3.41
C GLY A 30 7.69 6.91 3.60
N THR A 31 8.13 5.70 3.25
CA THR A 31 9.26 5.01 3.88
C THR A 31 10.21 4.45 2.81
N PRO A 32 11.11 5.27 2.23
CA PRO A 32 11.86 4.91 1.04
C PRO A 32 12.89 3.80 1.30
N CYS A 1 -12.97 -3.34 5.63
CA CYS A 1 -12.73 -4.74 5.22
C CYS A 1 -13.61 -5.71 6.03
N GLY A 2 -14.08 -6.79 5.40
CA GLY A 2 -14.79 -7.89 6.06
C GLY A 2 -14.49 -9.30 5.51
N ASN A 3 -13.50 -9.43 4.61
CA ASN A 3 -13.14 -10.67 3.92
C ASN A 3 -11.72 -10.58 3.35
N LEU A 4 -11.13 -11.75 3.07
CA LEU A 4 -9.74 -11.90 2.64
C LEU A 4 -9.43 -11.09 1.39
N SER A 5 -10.20 -11.29 0.32
CA SER A 5 -9.96 -10.71 -1.01
C SER A 5 -10.03 -9.19 -0.98
N THR A 6 -10.91 -8.64 -0.14
CA THR A 6 -11.03 -7.19 0.09
C THR A 6 -9.85 -6.66 0.90
N CYS A 7 -9.41 -7.37 1.95
CA CYS A 7 -8.17 -7.03 2.65
C CYS A 7 -6.90 -7.16 1.77
N MET A 8 -6.82 -8.11 0.84
CA MET A 8 -5.72 -8.21 -0.12
C MET A 8 -5.74 -7.07 -1.13
N LEU A 9 -6.93 -6.66 -1.60
CA LEU A 9 -7.12 -5.50 -2.48
C LEU A 9 -6.77 -4.20 -1.76
N GLY A 10 -7.13 -4.09 -0.48
CA GLY A 10 -6.79 -2.96 0.39
C GLY A 10 -5.29 -2.87 0.66
N THR A 11 -4.63 -4.02 0.86
CA THR A 11 -3.16 -4.09 1.02
C THR A 11 -2.45 -3.75 -0.28
N LEU A 12 -2.94 -4.23 -1.43
CA LEU A 12 -2.46 -3.85 -2.76
C LEU A 12 -2.60 -2.33 -3.00
N THR A 13 -3.73 -1.73 -2.62
CA THR A 13 -4.00 -0.29 -2.74
C THR A 13 -3.10 0.52 -1.81
N GLN A 14 -2.84 0.01 -0.61
CA GLN A 14 -1.90 0.59 0.36
C GLN A 14 -0.47 0.55 -0.19
N ASP A 15 -0.09 -0.53 -0.87
CA ASP A 15 1.24 -0.68 -1.48
C ASP A 15 1.40 0.22 -2.72
N PHE A 16 0.33 0.36 -3.52
CA PHE A 16 0.25 1.37 -4.58
C PHE A 16 0.36 2.80 -4.05
N HIS A 17 -0.24 3.13 -2.90
CA HIS A 17 -0.11 4.43 -2.23
C HIS A 17 1.34 4.69 -1.82
N LYS A 18 1.98 3.67 -1.22
CA LYS A 18 3.38 3.68 -0.80
C LYS A 18 4.33 3.92 -1.98
N PHE A 19 4.17 3.19 -3.08
CA PHE A 19 4.89 3.43 -4.34
C PHE A 19 4.61 4.81 -4.95
N HIS A 20 3.39 5.33 -4.78
CA HIS A 20 2.95 6.61 -5.35
C HIS A 20 3.63 7.81 -4.68
N THR A 21 3.74 7.82 -3.35
CA THR A 21 4.34 8.95 -2.63
C THR A 21 5.86 8.99 -2.85
N PHE A 22 6.50 7.83 -3.07
CA PHE A 22 7.91 7.66 -3.43
C PHE A 22 8.15 6.22 -3.94
N PRO A 23 8.74 6.00 -5.13
CA PRO A 23 8.92 4.65 -5.68
C PRO A 23 9.85 3.77 -4.83
N GLN A 24 10.85 4.38 -4.18
CA GLN A 24 11.87 3.70 -3.35
C GLN A 24 11.47 3.54 -1.86
N THR A 25 10.39 4.19 -1.41
CA THR A 25 9.95 4.13 0.00
C THR A 25 9.17 2.86 0.38
N ASN A 26 8.86 1.99 -0.60
CA ASN A 26 7.92 0.88 -0.41
C ASN A 26 8.31 -0.13 0.69
N THR A 27 9.57 -0.15 1.13
CA THR A 27 10.06 -0.88 2.31
C THR A 27 9.59 -0.31 3.68
N GLY A 28 8.98 0.88 3.68
CA GLY A 28 8.47 1.60 4.84
C GLY A 28 7.04 2.09 4.60
N VAL A 29 6.86 3.37 4.25
CA VAL A 29 5.53 3.94 3.91
C VAL A 29 5.53 5.25 3.11
N GLY A 30 6.37 6.23 3.47
CA GLY A 30 6.15 7.62 3.04
C GLY A 30 7.29 8.57 3.42
N THR A 31 8.49 8.31 2.90
CA THR A 31 9.74 9.03 3.23
C THR A 31 10.75 8.97 2.07
N PRO A 32 11.60 10.00 1.86
CA PRO A 32 12.68 9.93 0.87
C PRO A 32 13.72 8.83 1.20
N CYS A 1 -12.14 -3.19 5.71
CA CYS A 1 -12.11 -4.61 5.25
C CYS A 1 -13.45 -5.31 5.58
N GLY A 2 -13.57 -6.61 5.26
CA GLY A 2 -14.76 -7.44 5.49
C GLY A 2 -14.57 -8.93 5.13
N ASN A 3 -13.63 -9.23 4.24
CA ASN A 3 -13.17 -10.58 3.87
C ASN A 3 -11.70 -10.54 3.41
N LEU A 4 -11.10 -11.72 3.28
CA LEU A 4 -9.68 -11.91 2.89
C LEU A 4 -9.33 -11.16 1.60
N SER A 5 -10.11 -11.37 0.55
CA SER A 5 -9.88 -10.79 -0.78
C SER A 5 -9.96 -9.26 -0.77
N THR A 6 -10.83 -8.70 0.08
CA THR A 6 -10.95 -7.25 0.29
C THR A 6 -9.76 -6.69 1.08
N CYS A 7 -9.28 -7.41 2.10
CA CYS A 7 -8.02 -7.07 2.79
C CYS A 7 -6.80 -7.16 1.85
N MET A 8 -6.74 -8.13 0.92
CA MET A 8 -5.67 -8.23 -0.07
C MET A 8 -5.73 -7.10 -1.10
N LEU A 9 -6.94 -6.70 -1.52
CA LEU A 9 -7.17 -5.55 -2.41
C LEU A 9 -6.81 -4.24 -1.72
N GLY A 10 -7.12 -4.12 -0.43
CA GLY A 10 -6.76 -2.98 0.42
C GLY A 10 -5.25 -2.87 0.62
N THR A 11 -4.58 -4.01 0.82
CA THR A 11 -3.11 -4.08 0.95
C THR A 11 -2.43 -3.76 -0.39
N LEU A 12 -2.98 -4.23 -1.51
CA LEU A 12 -2.54 -3.84 -2.86
C LEU A 12 -2.72 -2.33 -3.10
N THR A 13 -3.84 -1.75 -2.68
CA THR A 13 -4.12 -0.31 -2.83
C THR A 13 -3.17 0.50 -1.95
N GLN A 14 -2.85 0.01 -0.75
CA GLN A 14 -1.85 0.58 0.15
C GLN A 14 -0.43 0.49 -0.44
N ASP A 15 -0.12 -0.61 -1.15
CA ASP A 15 1.14 -0.81 -1.85
C ASP A 15 1.29 0.20 -3.00
N PHE A 16 0.22 0.42 -3.76
CA PHE A 16 0.16 1.48 -4.78
C PHE A 16 0.24 2.90 -4.21
N HIS A 17 -0.42 3.18 -3.08
CA HIS A 17 -0.28 4.43 -2.31
C HIS A 17 1.18 4.68 -1.95
N LYS A 18 1.83 3.63 -1.45
CA LYS A 18 3.20 3.63 -0.94
C LYS A 18 4.21 3.88 -2.06
N PHE A 19 4.08 3.17 -3.18
CA PHE A 19 4.88 3.38 -4.40
C PHE A 19 4.64 4.74 -5.07
N HIS A 20 3.52 5.41 -4.75
CA HIS A 20 3.21 6.77 -5.18
C HIS A 20 3.86 7.84 -4.28
N THR A 21 3.76 7.73 -2.96
CA THR A 21 4.20 8.79 -2.03
C THR A 21 5.70 8.72 -1.68
N PHE A 22 6.37 7.60 -1.96
CA PHE A 22 7.82 7.39 -1.80
C PHE A 22 8.30 6.30 -2.79
N PRO A 23 9.62 6.05 -2.96
CA PRO A 23 10.09 4.92 -3.77
C PRO A 23 9.64 3.58 -3.18
N GLN A 24 9.95 3.31 -1.91
CA GLN A 24 9.63 2.04 -1.24
C GLN A 24 9.74 2.06 0.31
N THR A 25 10.77 2.70 0.88
CA THR A 25 11.52 2.19 2.04
C THR A 25 10.70 1.62 3.21
N ASN A 26 9.93 2.46 3.91
CA ASN A 26 9.11 2.08 5.07
C ASN A 26 7.81 1.36 4.64
N THR A 27 7.93 0.14 4.10
CA THR A 27 7.02 -0.57 3.17
C THR A 27 5.49 -0.50 3.34
N GLY A 28 4.99 -0.13 4.52
CA GLY A 28 3.58 0.20 4.77
C GLY A 28 3.09 1.46 4.06
N VAL A 29 3.88 2.53 4.19
CA VAL A 29 3.60 3.89 3.68
C VAL A 29 4.74 4.49 2.85
N GLY A 30 5.95 3.95 2.99
CA GLY A 30 7.16 4.25 2.23
C GLY A 30 7.97 5.35 2.91
N THR A 31 7.27 6.38 3.38
CA THR A 31 7.83 7.59 4.01
C THR A 31 8.51 7.31 5.35
N PRO A 32 9.62 8.01 5.68
CA PRO A 32 10.53 7.62 6.75
C PRO A 32 10.05 7.99 8.17
#